data_4XHQ
#
_entry.id   4XHQ
#
_cell.length_a   99.172
_cell.length_b   99.172
_cell.length_c   163.991
_cell.angle_alpha   90.00
_cell.angle_beta   90.00
_cell.angle_gamma   90.00
#
_symmetry.space_group_name_H-M   'P 42 2 2'
#
loop_
_entity.id
_entity.type
_entity.pdbx_description
1 polymer Dscam
2 branched beta-D-mannopyranose-(1-4)-2-acetamido-2-deoxy-beta-D-glucopyranose-(1-4)-2-acetamido-2-deoxy-beta-D-glucopyranose
3 branched alpha-D-mannopyranose-(1-3)-[alpha-D-mannopyranose-(1-6)]beta-D-mannopyranose-(1-4)-2-acetamido-2-deoxy-beta-D-glucopyranose-(1-4)-2-acetamido-2-deoxy-beta-D-glucopyranose
4 non-polymer GLYCEROL
5 non-polymer 'CHLORIDE ION'
6 non-polymer 'SODIUM ION'
7 non-polymer 'SULFATE ION'
8 water water
#
_entity_poly.entity_id   1
_entity_poly.type   'polypeptide(L)'
_entity_poly.pdbx_seq_one_letter_code
;QKGPVFLKEPTNRIDFSNSTGAEIECKASGNPMPEIIWIRSDGTAVGDVPGLRQISSDGKLVFPPFRAEDYRQEVHAQVY
ACLARNQFGSIISRDVHVRAVVAQYYEADVNKEHVIRGNSAVIKCLIPSFVADFVEVVSWHTDEEENYFPGAEYDGKYLV
LPSGELHIREVGPEDGYKSYQCRTKHRLTGETRLSATKGRLVITEPISSSAPRTPALVQKPLELMVAHTISLLCPAQGFP
APSFRWYKFIEGTTRKQAVVLNDRVKQVSGTLIIKDAVVEDSGKYLCVVNNSVGGESVETVLTVTAPLSAKIDPPTQTVD
FGRPAVFTCQYTGNPIKTVSWMKDGKAIGHSESVLRIESVKKEDKGMYQCFVRNDRESAEASAELKLG
;
_entity_poly.pdbx_strand_id   A
#
loop_
_chem_comp.id
_chem_comp.type
_chem_comp.name
_chem_comp.formula
BMA D-saccharide, beta linking beta-D-mannopyranose 'C6 H12 O6'
CL non-polymer 'CHLORIDE ION' 'Cl -1'
GOL non-polymer GLYCEROL 'C3 H8 O3'
MAN D-saccharide, alpha linking alpha-D-mannopyranose 'C6 H12 O6'
NA non-polymer 'SODIUM ION' 'Na 1'
NAG D-saccharide, beta linking 2-acetamido-2-deoxy-beta-D-glucopyranose 'C8 H15 N O6'
SO4 non-polymer 'SULFATE ION' 'O4 S -2'
#
# COMPACT_ATOMS: atom_id res chain seq x y z
N GLN A 1 -32.05 -21.85 13.10
CA GLN A 1 -32.55 -20.57 12.63
C GLN A 1 -31.53 -19.82 11.72
N LYS A 2 -30.28 -19.64 12.15
CA LYS A 2 -29.30 -18.89 11.30
C LYS A 2 -27.85 -19.40 11.29
N GLY A 3 -27.25 -19.36 10.10
CA GLY A 3 -25.81 -19.56 9.98
C GLY A 3 -25.04 -18.31 10.41
N PRO A 4 -23.72 -18.47 10.66
CA PRO A 4 -22.93 -17.32 11.13
C PRO A 4 -22.78 -16.19 10.11
N VAL A 5 -22.81 -14.95 10.58
CA VAL A 5 -22.32 -13.85 9.78
C VAL A 5 -21.38 -12.93 10.63
N PHE A 6 -20.30 -12.40 10.05
CA PHE A 6 -19.39 -11.51 10.79
C PHE A 6 -20.01 -10.15 11.03
N LEU A 7 -19.96 -9.70 12.27
CA LEU A 7 -20.28 -8.31 12.64
C LEU A 7 -19.03 -7.42 12.65
N LYS A 8 -17.95 -7.98 13.18
CA LYS A 8 -16.67 -7.26 13.24
C LYS A 8 -15.53 -8.21 12.84
N GLU A 9 -14.72 -7.78 11.87
CA GLU A 9 -13.51 -8.52 11.50
C GLU A 9 -12.30 -7.69 11.77
N PRO A 10 -11.17 -8.32 12.11
CA PRO A 10 -9.94 -7.52 12.20
C PRO A 10 -9.52 -6.96 10.85
N THR A 11 -8.78 -5.85 10.87
CA THR A 11 -8.27 -5.21 9.64
C THR A 11 -7.26 -6.10 8.95
N ASN A 12 -6.87 -5.76 7.73
CA ASN A 12 -5.92 -6.55 6.99
C ASN A 12 -4.53 -6.49 7.58
N ARG A 13 -4.10 -5.35 8.17
CA ARG A 13 -2.74 -5.24 8.72
C ARG A 13 -2.81 -4.81 10.19
N ILE A 14 -2.04 -5.51 11.02
CA ILE A 14 -1.81 -5.11 12.41
C ILE A 14 -0.31 -5.03 12.58
N ASP A 15 0.23 -3.81 12.54
CA ASP A 15 1.68 -3.61 12.75
C ASP A 15 1.88 -2.99 14.14
N PHE A 16 2.81 -3.51 14.94
CA PHE A 16 2.97 -2.92 16.28
C PHE A 16 4.36 -3.20 16.82
N SER A 17 4.88 -2.33 17.71
CA SER A 17 6.20 -2.63 18.30
C SER A 17 6.01 -3.61 19.44
N ASN A 18 7.08 -4.33 19.78
CA ASN A 18 7.05 -5.23 20.94
C ASN A 18 6.63 -4.51 22.21
N SER A 19 6.81 -3.20 22.32
CA SER A 19 6.37 -2.49 23.53
C SER A 19 4.90 -2.23 23.53
N THR A 20 4.34 -2.11 22.36
CA THR A 20 2.92 -1.71 22.33
C THR A 20 2.03 -2.95 22.53
N GLY A 21 2.42 -4.06 21.91
CA GLY A 21 1.54 -5.25 21.87
C GLY A 21 0.32 -4.92 21.00
N ALA A 22 -0.66 -5.82 20.94
CA ALA A 22 -1.83 -5.63 20.11
C ALA A 22 -2.97 -6.55 20.51
N GLU A 23 -4.18 -6.15 20.16
CA GLU A 23 -5.31 -7.09 20.23
C GLU A 23 -6.17 -6.98 19.01
N ILE A 24 -6.70 -8.11 18.54
CA ILE A 24 -7.56 -8.07 17.35
C ILE A 24 -8.85 -8.79 17.72
N GLU A 25 -9.93 -8.38 17.07
CA GLU A 25 -11.23 -8.76 17.54
C GLU A 25 -12.07 -9.35 16.39
N CYS A 26 -12.87 -10.35 16.72
CA CYS A 26 -13.74 -10.96 15.74
C CYS A 26 -15.08 -11.20 16.43
N LYS A 27 -16.16 -10.73 15.82
CA LYS A 27 -17.51 -10.93 16.38
C LYS A 27 -18.48 -11.41 15.31
N ALA A 28 -19.19 -12.50 15.58
CA ALA A 28 -20.17 -13.02 14.63
C ALA A 28 -21.51 -13.33 15.30
N SER A 29 -22.58 -13.15 14.54
CA SER A 29 -23.92 -13.51 14.98
C SER A 29 -24.35 -14.85 14.40
N GLY A 30 -25.49 -15.34 14.87
CA GLY A 30 -25.98 -16.63 14.45
C GLY A 30 -26.79 -17.32 15.55
N ASN A 31 -27.47 -18.36 15.17
CA ASN A 31 -28.40 -19.01 16.09
C ASN A 31 -28.51 -20.47 15.70
N PRO A 32 -27.88 -21.36 16.50
CA PRO A 32 -27.17 -21.04 17.77
C PRO A 32 -25.90 -20.14 17.59
N MET A 33 -25.56 -19.36 18.61
CA MET A 33 -24.32 -18.56 18.65
C MET A 33 -23.14 -19.34 18.11
N PRO A 34 -22.39 -18.70 17.18
CA PRO A 34 -21.27 -19.49 16.63
C PRO A 34 -20.08 -19.54 17.59
N GLU A 35 -19.31 -20.65 17.63
CA GLU A 35 -18.00 -20.64 18.27
C GLU A 35 -17.05 -19.80 17.35
N ILE A 36 -16.17 -19.04 18.00
CA ILE A 36 -15.12 -18.24 17.31
C ILE A 36 -13.81 -18.97 17.47
N ILE A 37 -13.19 -19.39 16.37
CA ILE A 37 -11.92 -20.07 16.45
C ILE A 37 -10.83 -19.22 15.71
N TRP A 38 -9.66 -19.01 16.32
CA TRP A 38 -8.59 -18.31 15.57
C TRP A 38 -7.74 -19.35 14.85
N ILE A 39 -7.47 -19.09 13.55
CA ILE A 39 -6.64 -19.94 12.74
C ILE A 39 -5.53 -19.10 12.03
N ARG A 40 -4.50 -19.78 11.56
CA ARG A 40 -3.66 -19.19 10.49
C ARG A 40 -4.46 -19.24 9.21
N SER A 41 -4.37 -18.20 8.36
CA SER A 41 -5.19 -18.11 7.12
C SER A 41 -5.12 -19.41 6.30
N ASP A 42 -4.00 -20.15 6.41
CA ASP A 42 -3.86 -21.45 5.73
C ASP A 42 -4.91 -22.47 6.24
N GLY A 43 -5.20 -22.43 7.54
CA GLY A 43 -6.35 -23.13 8.09
C GLY A 43 -6.11 -23.81 9.41
N THR A 44 -4.84 -23.97 9.78
CA THR A 44 -4.41 -24.52 11.07
C THR A 44 -4.99 -23.77 12.27
N ALA A 45 -5.54 -24.44 13.29
CA ALA A 45 -5.91 -23.71 14.52
C ALA A 45 -4.65 -23.26 15.31
N VAL A 46 -4.80 -22.18 16.06
CA VAL A 46 -3.68 -21.61 16.83
C VAL A 46 -4.05 -21.65 18.30
N GLY A 47 -3.08 -21.90 19.15
CA GLY A 47 -3.33 -21.84 20.57
C GLY A 47 -2.55 -20.82 21.40
N ASP A 48 -2.64 -20.99 22.73
CA ASP A 48 -2.02 -20.09 23.68
C ASP A 48 -0.52 -20.37 23.74
N VAL A 49 0.25 -19.30 23.66
CA VAL A 49 1.69 -19.35 23.79
C VAL A 49 1.95 -18.36 24.92
N PRO A 50 2.41 -18.87 26.09
CA PRO A 50 2.48 -18.07 27.33
C PRO A 50 3.23 -16.77 27.15
N GLY A 51 2.53 -15.67 27.40
CA GLY A 51 3.12 -14.35 27.28
C GLY A 51 3.14 -13.73 25.88
N LEU A 52 2.86 -14.52 24.83
CA LEU A 52 2.99 -14.00 23.46
C LEU A 52 1.70 -13.94 22.68
N ARG A 53 0.82 -14.93 22.87
CA ARG A 53 -0.44 -14.90 22.14
C ARG A 53 -1.49 -15.56 23.03
N GLN A 54 -2.58 -14.86 23.29
CA GLN A 54 -3.59 -15.27 24.28
C GLN A 54 -4.95 -15.12 23.66
N ILE A 55 -5.64 -16.23 23.58
CA ILE A 55 -7.04 -16.18 23.21
C ILE A 55 -7.72 -15.64 24.43
N SER A 56 -8.32 -14.48 24.28
CA SER A 56 -8.94 -13.86 25.40
C SER A 56 -10.47 -14.02 25.29
N SER A 57 -11.18 -13.50 26.28
CA SER A 57 -12.64 -13.41 26.19
C SER A 57 -13.02 -12.29 25.21
N ASP A 58 -14.32 -12.02 25.05
CA ASP A 58 -14.84 -11.01 24.11
C ASP A 58 -14.52 -11.36 22.66
N GLY A 59 -13.96 -12.55 22.46
CA GLY A 59 -13.41 -12.95 21.17
C GLY A 59 -12.23 -12.11 20.70
N LYS A 60 -11.25 -11.89 21.60
CA LYS A 60 -10.06 -11.12 21.25
C LYS A 60 -8.78 -11.98 21.23
N LEU A 61 -8.01 -11.87 20.15
CA LEU A 61 -6.69 -12.50 20.12
C LEU A 61 -5.69 -11.42 20.56
N VAL A 62 -4.94 -11.71 21.62
CA VAL A 62 -4.07 -10.71 22.29
C VAL A 62 -2.61 -11.05 22.16
N PHE A 63 -1.84 -10.06 21.68
CA PHE A 63 -0.39 -10.21 21.61
C PHE A 63 0.18 -9.25 22.69
N PRO A 64 0.52 -9.77 23.89
CA PRO A 64 1.06 -8.89 24.91
C PRO A 64 2.43 -8.27 24.49
N PRO A 65 2.73 -7.09 25.07
CA PRO A 65 4.11 -6.54 24.95
C PRO A 65 5.11 -7.59 25.37
N PHE A 66 6.28 -7.65 24.76
CA PHE A 66 7.22 -8.72 25.00
C PHE A 66 8.62 -8.20 24.78
N ARG A 67 9.60 -8.89 25.36
CA ARG A 67 11.01 -8.56 25.26
C ARG A 67 11.53 -9.06 23.97
N ALA A 68 12.53 -8.37 23.46
CA ALA A 68 13.17 -8.70 22.20
C ALA A 68 13.56 -10.14 22.14
N GLU A 69 14.07 -10.64 23.25
CA GLU A 69 14.55 -12.03 23.39
C GLU A 69 13.41 -13.05 23.16
N ASP A 70 12.19 -12.61 23.39
CA ASP A 70 11.05 -13.54 23.29
C ASP A 70 10.31 -13.52 21.92
N TYR A 71 10.85 -12.77 20.95
CA TYR A 71 10.27 -12.75 19.61
C TYR A 71 10.12 -14.19 19.05
N ARG A 72 8.97 -14.46 18.48
CA ARG A 72 8.80 -15.73 17.79
C ARG A 72 8.14 -15.53 16.44
N GLN A 73 8.86 -15.89 15.36
CA GLN A 73 8.29 -15.65 14.00
C GLN A 73 6.87 -16.26 13.81
N GLU A 74 6.68 -17.51 14.23
CA GLU A 74 5.38 -18.19 14.03
C GLU A 74 4.28 -17.49 14.78
N VAL A 75 4.62 -16.73 15.82
CA VAL A 75 3.59 -15.89 16.43
C VAL A 75 3.47 -14.46 15.85
N HIS A 76 4.65 -13.84 15.67
CA HIS A 76 4.70 -12.39 15.49
C HIS A 76 4.80 -11.94 14.01
N ALA A 77 5.07 -12.88 13.10
CA ALA A 77 5.04 -12.57 11.66
C ALA A 77 4.16 -13.62 10.97
N GLN A 78 2.85 -13.38 10.95
CA GLN A 78 1.91 -14.49 10.72
C GLN A 78 0.64 -13.93 10.12
N VAL A 79 -0.04 -14.72 9.25
CA VAL A 79 -1.30 -14.24 8.72
C VAL A 79 -2.39 -15.07 9.42
N TYR A 80 -3.25 -14.40 10.14
CA TYR A 80 -4.29 -15.10 10.93
C TYR A 80 -5.63 -14.90 10.27
N ALA A 81 -6.64 -15.64 10.74
CA ALA A 81 -7.97 -15.31 10.35
C ALA A 81 -8.88 -15.86 11.48
N CYS A 82 -10.11 -15.36 11.50
CA CYS A 82 -11.15 -15.75 12.42
C CYS A 82 -12.12 -16.73 11.70
N LEU A 83 -12.39 -17.90 12.31
CA LEU A 83 -13.36 -18.89 11.78
C LEU A 83 -14.58 -18.89 12.72
N ALA A 84 -15.74 -18.53 12.16
CA ALA A 84 -17.01 -18.56 12.92
C ALA A 84 -17.85 -19.78 12.47
N ARG A 85 -18.41 -20.52 13.42
CA ARG A 85 -18.93 -21.85 13.10
C ARG A 85 -20.10 -22.24 14.00
N ASN A 86 -21.22 -22.65 13.40
CA ASN A 86 -22.28 -23.38 14.13
C ASN A 86 -22.76 -24.60 13.27
N GLN A 87 -23.83 -25.28 13.69
CA GLN A 87 -24.28 -26.51 13.01
C GLN A 87 -24.62 -26.28 11.52
N PHE A 88 -25.09 -25.09 11.17
CA PHE A 88 -25.37 -24.74 9.77
C PHE A 88 -24.15 -24.52 8.87
N GLY A 89 -22.95 -24.40 9.46
CA GLY A 89 -21.73 -24.26 8.67
C GLY A 89 -20.75 -23.20 9.18
N SER A 90 -19.74 -22.90 8.36
CA SER A 90 -18.57 -22.13 8.78
C SER A 90 -18.31 -20.93 7.85
N ILE A 91 -17.89 -19.79 8.40
CA ILE A 91 -17.33 -18.69 7.55
C ILE A 91 -15.93 -18.29 8.08
N ILE A 92 -15.05 -17.84 7.18
CA ILE A 92 -13.70 -17.42 7.55
C ILE A 92 -13.51 -15.92 7.22
N SER A 93 -12.83 -15.19 8.10
CA SER A 93 -12.80 -13.72 7.96
C SER A 93 -11.77 -13.40 6.84
N ARG A 94 -11.66 -12.12 6.45
CA ARG A 94 -10.48 -11.69 5.71
C ARG A 94 -9.15 -12.00 6.43
N ASP A 95 -8.06 -12.03 5.67
CA ASP A 95 -6.71 -12.28 6.20
C ASP A 95 -6.33 -11.20 7.20
N VAL A 96 -5.53 -11.55 8.23
CA VAL A 96 -5.10 -10.55 9.22
C VAL A 96 -3.59 -10.66 9.32
N HIS A 97 -2.87 -9.75 8.64
CA HIS A 97 -1.42 -9.82 8.62
C HIS A 97 -0.88 -9.19 9.91
N VAL A 98 -0.31 -10.02 10.77
CA VAL A 98 0.25 -9.53 12.02
C VAL A 98 1.76 -9.36 11.87
N ARG A 99 2.25 -8.16 12.22
CA ARG A 99 3.70 -7.87 12.14
C ARG A 99 4.11 -7.16 13.45
N ALA A 100 4.58 -7.95 14.42
CA ALA A 100 5.15 -7.34 15.64
C ALA A 100 6.61 -7.02 15.31
N VAL A 101 7.03 -5.77 15.50
CA VAL A 101 8.43 -5.42 15.16
C VAL A 101 9.14 -4.97 16.46
N VAL A 102 10.24 -5.61 16.78
CA VAL A 102 10.99 -5.26 17.98
C VAL A 102 11.63 -3.85 17.72
N ALA A 103 11.43 -2.92 18.64
CA ALA A 103 12.05 -1.59 18.52
C ALA A 103 13.55 -1.74 18.35
N GLN A 104 14.07 -1.12 17.30
CA GLN A 104 15.45 -1.32 16.95
C GLN A 104 15.99 -0.09 16.23
N TYR A 105 17.24 0.22 16.52
CA TYR A 105 17.90 1.38 15.95
C TYR A 105 17.97 1.28 14.42
N TYR A 106 17.68 2.37 13.74
CA TYR A 106 17.90 2.45 12.29
C TYR A 106 18.51 3.83 12.01
N GLU A 107 19.14 3.96 10.87
CA GLU A 107 19.44 5.31 10.46
C GLU A 107 19.18 5.51 8.96
N ALA A 108 18.81 6.73 8.67
CA ALA A 108 18.61 7.19 7.29
C ALA A 108 19.89 7.94 6.86
N ASP A 109 20.22 7.93 5.56
CA ASP A 109 21.41 8.65 5.08
C ASP A 109 21.03 9.66 4.00
N VAL A 110 21.84 10.70 3.83
CA VAL A 110 21.68 11.65 2.69
C VAL A 110 23.08 11.70 2.08
N ASN A 111 23.20 11.28 0.83
CA ASN A 111 24.47 11.24 0.17
C ASN A 111 24.69 12.46 -0.74
N LYS A 112 25.87 12.56 -1.29
CA LYS A 112 26.23 13.63 -2.23
C LYS A 112 25.38 13.45 -3.51
N GLU A 113 24.90 14.57 -4.05
CA GLU A 113 24.10 14.57 -5.27
C GLU A 113 24.87 15.33 -6.39
N HIS A 114 25.25 14.66 -7.47
CA HIS A 114 26.08 15.33 -8.52
C HIS A 114 25.16 15.85 -9.59
N VAL A 115 25.27 17.15 -9.87
CA VAL A 115 24.32 17.81 -10.78
C VAL A 115 25.11 18.77 -11.67
N ILE A 116 24.55 19.04 -12.85
CA ILE A 116 25.13 20.04 -13.76
C ILE A 116 24.53 21.38 -13.43
N ARG A 117 25.37 22.42 -13.27
CA ARG A 117 24.81 23.72 -12.98
C ARG A 117 23.64 24.12 -13.91
N GLY A 118 22.57 24.64 -13.33
CA GLY A 118 21.42 25.07 -14.13
C GLY A 118 20.30 24.02 -14.16
N ASN A 119 20.64 22.77 -13.83
CA ASN A 119 19.61 21.73 -13.77
C ASN A 119 18.86 21.72 -12.45
N SER A 120 17.73 21.02 -12.38
CA SER A 120 17.04 20.72 -11.11
C SER A 120 17.80 19.65 -10.39
N ALA A 121 17.63 19.58 -9.06
CA ALA A 121 18.29 18.55 -8.26
C ALA A 121 17.23 17.94 -7.37
N VAL A 122 17.43 16.66 -7.03
CA VAL A 122 16.56 15.99 -6.09
C VAL A 122 17.45 15.38 -5.00
N ILE A 123 17.26 15.84 -3.77
CA ILE A 123 18.01 15.32 -2.62
C ILE A 123 17.13 14.22 -2.00
N LYS A 124 17.70 13.05 -1.79
CA LYS A 124 16.92 11.93 -1.31
C LYS A 124 17.33 11.51 0.10
N CYS A 125 16.33 11.14 0.85
CA CYS A 125 16.60 10.57 2.17
C CYS A 125 16.57 9.06 2.03
N LEU A 126 17.70 8.40 2.19
CA LEU A 126 17.83 6.95 1.97
C LEU A 126 17.49 6.15 3.24
N ILE A 127 16.36 5.44 3.20
CA ILE A 127 15.82 4.68 4.34
C ILE A 127 16.01 3.19 3.96
N PRO A 128 16.75 2.41 4.76
CA PRO A 128 16.95 0.98 4.44
C PRO A 128 15.62 0.27 4.07
N SER A 129 15.66 -0.53 3.02
CA SER A 129 14.40 -1.14 2.51
C SER A 129 13.65 -1.91 3.60
N PHE A 130 14.41 -2.50 4.54
CA PHE A 130 13.77 -3.36 5.57
C PHE A 130 13.19 -2.59 6.74
N VAL A 131 13.29 -1.24 6.75
CA VAL A 131 12.49 -0.48 7.70
C VAL A 131 11.58 0.49 7.01
N ALA A 132 11.67 0.58 5.68
CA ALA A 132 10.97 1.63 4.95
C ALA A 132 9.45 1.54 5.06
N ASP A 133 8.91 0.34 5.33
CA ASP A 133 7.46 0.27 5.60
C ASP A 133 6.99 1.12 6.76
N PHE A 134 7.90 1.41 7.70
CA PHE A 134 7.53 2.11 8.93
C PHE A 134 8.10 3.52 9.10
N VAL A 135 8.98 3.93 8.19
CA VAL A 135 9.69 5.20 8.37
C VAL A 135 9.33 6.13 7.22
N GLU A 136 8.98 7.37 7.53
CA GLU A 136 8.64 8.38 6.51
C GLU A 136 9.44 9.72 6.79
N VAL A 137 9.70 10.50 5.74
CA VAL A 137 10.34 11.81 5.88
C VAL A 137 9.34 12.82 6.38
N VAL A 138 9.77 13.55 7.39
CA VAL A 138 8.95 14.57 8.01
C VAL A 138 9.34 15.93 7.46
N SER A 139 10.64 16.17 7.30
CA SER A 139 11.08 17.55 6.96
C SER A 139 12.55 17.53 6.61
N TRP A 140 13.02 18.65 6.04
CA TRP A 140 14.38 18.73 5.53
C TRP A 140 15.03 19.96 6.21
N HIS A 141 16.34 19.92 6.43
CA HIS A 141 17.04 20.97 7.20
C HIS A 141 18.40 21.22 6.61
N THR A 142 18.82 22.48 6.58
CA THR A 142 20.18 22.78 6.07
C THR A 142 21.10 23.30 7.23
N ASP A 143 22.39 23.36 6.95
CA ASP A 143 23.40 23.90 7.91
C ASP A 143 23.20 25.37 8.14
N GLU A 144 22.57 26.04 7.17
CA GLU A 144 22.32 27.44 7.34
C GLU A 144 21.01 27.64 8.03
N GLU A 145 20.53 26.58 8.66
CA GLU A 145 19.29 26.59 9.46
C GLU A 145 18.01 26.91 8.65
N GLU A 146 17.96 26.49 7.39
CA GLU A 146 16.66 26.58 6.66
C GLU A 146 15.92 25.30 6.97
N ASN A 147 14.63 25.43 7.27
CA ASN A 147 13.76 24.25 7.55
C ASN A 147 12.61 24.16 6.54
N TYR A 148 12.46 23.01 5.87
CA TYR A 148 11.49 22.88 4.74
C TYR A 148 10.52 21.78 5.10
N PHE A 149 9.24 22.11 5.02
CA PHE A 149 8.14 21.16 5.26
C PHE A 149 7.27 20.90 4.01
N PRO A 150 6.66 19.70 3.92
CA PRO A 150 5.67 19.39 2.86
C PRO A 150 4.65 20.52 2.77
N GLY A 151 4.26 20.90 1.56
CA GLY A 151 3.26 21.94 1.42
C GLY A 151 3.57 22.80 0.20
N ALA A 152 3.94 24.06 0.40
CA ALA A 152 4.20 24.94 -0.74
C ALA A 152 5.69 25.07 -1.02
N GLU A 153 6.00 25.62 -2.21
CA GLU A 153 7.38 25.81 -2.59
C GLU A 153 7.95 27.01 -1.79
N TYR A 154 9.23 26.94 -1.40
CA TYR A 154 9.89 28.02 -0.67
C TYR A 154 10.77 28.82 -1.61
N ASP A 155 10.54 30.14 -1.68
CA ASP A 155 11.41 31.07 -2.43
C ASP A 155 11.48 30.74 -3.90
N GLY A 156 10.38 30.24 -4.46
CA GLY A 156 10.38 29.74 -5.84
C GLY A 156 11.43 28.68 -6.16
N LYS A 157 11.93 27.95 -5.15
CA LYS A 157 13.11 27.14 -5.39
C LYS A 157 13.12 25.75 -4.74
N TYR A 158 12.70 25.68 -3.48
CA TYR A 158 12.77 24.41 -2.71
C TYR A 158 11.38 23.86 -2.45
N LEU A 159 11.20 22.58 -2.73
CA LEU A 159 9.90 21.95 -2.47
C LEU A 159 10.11 20.56 -1.90
N VAL A 160 9.49 20.28 -0.76
CA VAL A 160 9.54 18.92 -0.24
C VAL A 160 8.40 18.17 -0.97
N LEU A 161 8.73 17.15 -1.74
CA LEU A 161 7.75 16.47 -2.59
C LEU A 161 6.90 15.58 -1.72
N PRO A 162 5.69 15.27 -2.21
CA PRO A 162 4.83 14.32 -1.50
C PRO A 162 5.52 12.98 -1.26
N SER A 163 6.40 12.58 -2.16
CA SER A 163 7.11 11.32 -1.95
C SER A 163 8.37 11.45 -1.01
N GLY A 164 8.68 12.66 -0.54
CA GLY A 164 9.63 12.82 0.58
C GLY A 164 10.95 13.46 0.16
N GLU A 165 11.23 13.55 -1.14
CA GLU A 165 12.47 14.15 -1.60
C GLU A 165 12.48 15.68 -1.47
N LEU A 166 13.68 16.28 -1.46
CA LEU A 166 13.72 17.74 -1.46
C LEU A 166 14.03 18.14 -2.89
N HIS A 167 13.11 18.84 -3.52
CA HIS A 167 13.29 19.25 -4.92
C HIS A 167 13.88 20.66 -4.99
N ILE A 168 14.94 20.82 -5.77
CA ILE A 168 15.61 22.14 -5.85
C ILE A 168 15.67 22.60 -7.32
N ARG A 169 15.01 23.70 -7.61
CA ARG A 169 15.09 24.28 -8.97
C ARG A 169 16.43 24.94 -9.28
N GLU A 170 16.88 24.78 -10.51
CA GLU A 170 17.92 25.63 -11.08
C GLU A 170 19.15 25.83 -10.16
N VAL A 171 19.90 24.76 -9.92
CA VAL A 171 20.98 24.78 -8.94
C VAL A 171 22.10 25.72 -9.47
N GLY A 172 22.64 26.55 -8.59
CA GLY A 172 23.77 27.42 -8.93
C GLY A 172 24.98 27.07 -8.06
N PRO A 173 26.20 27.53 -8.44
CA PRO A 173 27.42 27.10 -7.74
C PRO A 173 27.37 27.40 -6.22
N GLU A 174 26.67 28.49 -5.87
CA GLU A 174 26.42 28.81 -4.49
C GLU A 174 25.64 27.74 -3.74
N ASP A 175 24.98 26.82 -4.44
CA ASP A 175 24.15 25.84 -3.75
C ASP A 175 25.00 24.69 -3.24
N GLY A 176 26.25 24.65 -3.67
CA GLY A 176 27.19 23.63 -3.23
C GLY A 176 27.75 23.88 -1.82
N TYR A 177 27.45 25.03 -1.23
CA TYR A 177 28.02 25.37 0.11
C TYR A 177 27.03 25.10 1.25
N LYS A 178 26.00 24.30 0.97
CA LYS A 178 24.99 23.95 1.98
C LYS A 178 25.04 22.44 2.14
N SER A 179 24.73 21.92 3.32
CA SER A 179 24.51 20.49 3.38
C SER A 179 23.11 20.26 3.95
N TYR A 180 22.54 19.09 3.65
CA TYR A 180 21.09 18.84 3.87
C TYR A 180 20.89 17.64 4.76
N GLN A 181 20.03 17.71 5.76
CA GLN A 181 19.70 16.46 6.47
C GLN A 181 18.18 16.33 6.58
N CYS A 182 17.66 15.08 6.60
CA CYS A 182 16.22 14.86 6.68
C CYS A 182 15.87 14.39 8.09
N ARG A 183 14.67 14.70 8.50
CA ARG A 183 14.13 14.20 9.75
C ARG A 183 13.13 13.11 9.34
N THR A 184 13.19 11.97 10.00
CA THR A 184 12.28 10.85 9.68
C THR A 184 11.52 10.43 10.91
N LYS A 185 10.38 9.77 10.70
CA LYS A 185 9.54 9.33 11.82
C LYS A 185 9.19 7.84 11.67
N HIS A 186 9.27 7.09 12.78
CA HIS A 186 8.97 5.65 12.73
C HIS A 186 7.55 5.51 13.28
N ARG A 187 6.62 4.97 12.49
CA ARG A 187 5.25 5.01 12.96
C ARG A 187 4.95 3.97 14.06
N LEU A 188 5.80 2.95 14.25
CA LEU A 188 5.50 1.99 15.35
C LEU A 188 6.07 2.44 16.71
N THR A 189 7.23 3.13 16.72
CA THR A 189 7.81 3.63 18.00
C THR A 189 7.37 5.07 18.26
N GLY A 190 6.95 5.77 17.21
CA GLY A 190 6.64 7.18 17.31
C GLY A 190 7.89 8.09 17.39
N GLU A 191 9.10 7.52 17.39
CA GLU A 191 10.35 8.33 17.48
C GLU A 191 10.69 9.05 16.18
N THR A 192 11.22 10.27 16.29
CA THR A 192 11.82 10.96 15.14
C THR A 192 13.35 11.11 15.31
N ARG A 193 14.08 11.14 14.21
CA ARG A 193 15.54 11.35 14.30
C ARG A 193 15.98 12.04 13.03
N LEU A 194 17.15 12.64 13.09
CA LEU A 194 17.78 13.26 11.91
C LEU A 194 18.64 12.23 11.24
N SER A 195 18.95 12.46 9.98
CA SER A 195 19.71 11.48 9.25
C SER A 195 21.14 11.40 9.76
N ALA A 196 21.72 10.19 9.66
CA ALA A 196 23.05 9.91 10.20
C ALA A 196 24.12 10.72 9.42
N THR A 197 23.88 10.94 8.12
CA THR A 197 24.86 11.69 7.30
C THR A 197 24.14 12.89 6.71
N LYS A 198 24.91 13.87 6.25
CA LYS A 198 24.35 15.02 5.55
C LYS A 198 24.77 14.98 4.07
N GLY A 199 23.94 15.49 3.18
CA GLY A 199 24.23 15.39 1.76
C GLY A 199 24.55 16.80 1.27
N ARG A 200 25.35 16.91 0.23
CA ARG A 200 25.52 18.21 -0.39
C ARG A 200 25.37 18.03 -1.88
N LEU A 201 24.95 19.10 -2.56
CA LEU A 201 25.05 19.14 -4.04
C LEU A 201 26.49 19.34 -4.45
N VAL A 202 27.00 18.52 -5.37
CA VAL A 202 28.30 18.70 -5.97
C VAL A 202 28.01 19.19 -7.42
N ILE A 203 28.38 20.44 -7.71
CA ILE A 203 27.97 21.05 -8.97
C ILE A 203 29.04 21.01 -10.01
N THR A 204 28.71 20.40 -11.16
CA THR A 204 29.66 20.34 -12.25
C THR A 204 29.40 21.56 -13.17
N GLU A 205 30.44 22.30 -13.49
CA GLU A 205 30.29 23.40 -14.49
C GLU A 205 30.07 22.83 -15.87
N PRO A 206 29.09 23.38 -16.58
CA PRO A 206 28.93 22.81 -17.94
C PRO A 206 29.94 23.41 -18.93
N ILE A 207 30.90 22.59 -19.32
CA ILE A 207 31.95 22.94 -20.24
C ILE A 207 31.63 22.27 -21.59
N SER A 208 31.10 21.04 -21.56
CA SER A 208 30.66 20.37 -22.80
C SER A 208 29.15 20.29 -22.77
N SER A 209 28.49 20.29 -23.93
CA SER A 209 27.05 20.01 -24.01
C SER A 209 26.87 18.52 -23.85
N SER A 210 25.70 18.10 -23.35
CA SER A 210 25.40 16.67 -23.36
C SER A 210 23.88 16.44 -23.38
N ALA A 211 23.48 15.36 -24.06
CA ALA A 211 22.06 14.98 -24.15
C ALA A 211 21.61 14.61 -22.72
N PRO A 212 20.31 14.74 -22.38
CA PRO A 212 19.86 14.37 -21.03
C PRO A 212 20.14 12.92 -20.74
N ARG A 213 20.59 12.62 -19.52
CA ARG A 213 20.80 11.24 -19.15
C ARG A 213 20.01 11.00 -17.86
N THR A 214 19.34 9.85 -17.82
CA THR A 214 18.56 9.46 -16.64
C THR A 214 19.34 8.37 -15.89
N PRO A 215 19.02 8.13 -14.60
CA PRO A 215 19.86 7.16 -13.85
C PRO A 215 19.62 5.74 -14.36
N ALA A 216 20.50 4.80 -14.02
CA ALA A 216 20.29 3.38 -14.33
C ALA A 216 19.09 2.78 -13.58
N LEU A 217 18.89 3.18 -12.33
CA LEU A 217 17.82 2.63 -11.51
C LEU A 217 16.65 3.61 -11.45
N VAL A 218 15.45 3.10 -11.80
CA VAL A 218 14.26 3.96 -11.94
C VAL A 218 13.14 3.42 -11.07
N GLN A 219 12.15 4.26 -10.78
CA GLN A 219 11.05 3.95 -9.86
C GLN A 219 10.32 2.71 -10.40
N LYS A 220 10.26 1.64 -9.62
CA LYS A 220 9.48 0.45 -9.98
C LYS A 220 7.95 0.77 -9.83
N PRO A 221 7.01 -0.11 -10.31
CA PRO A 221 5.59 0.29 -10.26
C PRO A 221 5.13 0.69 -8.87
N LEU A 222 4.40 1.80 -8.83
CA LEU A 222 3.91 2.42 -7.62
C LEU A 222 2.48 2.04 -7.28
N GLU A 223 2.18 1.89 -6.00
CA GLU A 223 0.80 1.73 -5.53
C GLU A 223 0.52 2.77 -4.47
N LEU A 224 -0.41 3.66 -4.73
CA LEU A 224 -0.70 4.78 -3.83
C LEU A 224 -2.22 4.90 -3.63
N MET A 225 -2.67 5.27 -2.44
CA MET A 225 -4.09 5.28 -2.09
C MET A 225 -4.80 6.48 -2.62
N VAL A 226 -6.06 6.25 -3.01
CA VAL A 226 -6.97 7.31 -3.45
C VAL A 226 -6.97 8.43 -2.44
N ALA A 227 -7.28 9.63 -2.95
CA ALA A 227 -7.42 10.82 -2.13
C ALA A 227 -6.05 11.38 -1.67
N HIS A 228 -4.95 10.66 -1.87
CA HIS A 228 -3.66 11.26 -1.49
C HIS A 228 -2.98 11.96 -2.68
N THR A 229 -2.00 12.82 -2.42
CA THR A 229 -1.23 13.46 -3.49
C THR A 229 -0.11 12.56 -3.95
N ILE A 230 0.03 12.46 -5.25
CA ILE A 230 1.10 11.69 -5.81
C ILE A 230 2.17 12.56 -6.52
N SER A 231 3.45 12.21 -6.41
CA SER A 231 4.47 12.85 -7.25
C SER A 231 5.27 11.80 -7.96
N LEU A 232 5.36 11.97 -9.27
CA LEU A 232 6.14 11.12 -10.12
C LEU A 232 7.38 11.92 -10.50
N LEU A 233 8.56 11.42 -10.20
CA LEU A 233 9.80 12.12 -10.58
C LEU A 233 10.30 11.71 -11.93
N CYS A 234 11.12 12.58 -12.53
CA CYS A 234 11.82 12.26 -13.75
C CYS A 234 13.26 12.77 -13.66
N PRO A 235 14.14 12.09 -12.91
CA PRO A 235 15.50 12.64 -12.71
C PRO A 235 16.24 12.60 -14.02
N ALA A 236 16.90 13.69 -14.36
CA ALA A 236 17.64 13.71 -15.60
C ALA A 236 18.65 14.86 -15.50
N GLN A 237 19.81 14.66 -16.08
CA GLN A 237 20.81 15.73 -16.09
C GLN A 237 21.27 15.93 -17.57
N GLY A 238 21.41 17.18 -18.00
CA GLY A 238 22.13 17.38 -19.28
C GLY A 238 22.49 18.85 -19.41
N PHE A 239 23.17 19.17 -20.50
CA PHE A 239 23.47 20.57 -20.82
C PHE A 239 23.34 20.81 -22.33
N PRO A 240 22.50 21.76 -22.72
CA PRO A 240 21.66 22.66 -21.93
C PRO A 240 20.67 21.97 -20.96
N ALA A 241 20.30 22.67 -19.88
CA ALA A 241 19.34 22.08 -18.92
C ALA A 241 18.09 21.68 -19.66
N PRO A 242 17.61 20.47 -19.43
CA PRO A 242 16.53 20.03 -20.33
C PRO A 242 15.14 20.49 -19.94
N SER A 243 14.20 20.28 -20.85
CA SER A 243 12.80 20.46 -20.52
C SER A 243 12.11 19.06 -20.43
N PHE A 244 10.97 19.04 -19.79
CA PHE A 244 10.28 17.81 -19.43
C PHE A 244 8.84 17.84 -19.92
N ARG A 245 8.42 16.71 -20.52
CA ARG A 245 7.01 16.52 -20.83
C ARG A 245 6.48 15.13 -20.42
N TRP A 246 5.32 15.14 -19.78
CA TRP A 246 4.66 13.92 -19.32
C TRP A 246 3.49 13.52 -20.23
N TYR A 247 3.34 12.22 -20.40
CA TYR A 247 2.31 11.62 -21.24
C TYR A 247 1.77 10.46 -20.46
N LYS A 248 0.54 10.06 -20.82
CA LYS A 248 -0.03 8.83 -20.25
C LYS A 248 -0.42 7.88 -21.38
N PHE A 249 0.03 6.63 -21.34
CA PHE A 249 -0.26 5.69 -22.44
C PHE A 249 -1.77 5.38 -22.43
N ILE A 250 -2.34 5.23 -23.63
CA ILE A 250 -3.68 4.65 -23.75
C ILE A 250 -3.57 3.15 -23.49
N GLU A 251 -4.30 2.69 -22.49
CA GLU A 251 -4.21 1.30 -22.04
C GLU A 251 -4.38 0.28 -23.17
N GLY A 252 -3.49 -0.70 -23.19
CA GLY A 252 -3.50 -1.70 -24.24
C GLY A 252 -2.94 -1.31 -25.61
N THR A 253 -2.36 -0.10 -25.68
CA THR A 253 -1.79 0.38 -26.94
C THR A 253 -0.38 0.92 -26.73
N THR A 254 0.29 1.28 -27.83
CA THR A 254 1.58 1.95 -27.72
C THR A 254 1.39 3.46 -27.91
N ARG A 255 0.12 3.88 -27.95
CA ARG A 255 -0.25 5.28 -28.19
C ARG A 255 -0.30 6.01 -26.85
N LYS A 256 0.03 7.30 -26.86
CA LYS A 256 0.04 8.06 -25.61
C LYS A 256 -0.57 9.42 -25.82
N GLN A 257 -1.02 10.04 -24.75
CA GLN A 257 -1.51 11.42 -24.84
C GLN A 257 -0.81 12.30 -23.81
N ALA A 258 -0.64 13.59 -24.12
CA ALA A 258 -0.03 14.55 -23.21
C ALA A 258 -0.84 14.64 -21.96
N VAL A 259 -0.21 14.55 -20.76
CA VAL A 259 -0.95 14.82 -19.53
C VAL A 259 -1.47 16.25 -19.53
N VAL A 260 -2.68 16.47 -19.04
CA VAL A 260 -3.29 17.78 -19.08
C VAL A 260 -3.15 18.45 -17.75
N LEU A 261 -2.36 19.52 -17.74
CA LEU A 261 -2.05 20.23 -16.50
C LEU A 261 -3.17 21.22 -16.17
N ASN A 262 -3.63 21.22 -14.91
CA ASN A 262 -4.74 22.08 -14.45
C ASN A 262 -4.62 22.43 -12.95
N ASP A 263 -5.75 22.65 -12.26
CA ASP A 263 -5.72 22.86 -10.79
C ASP A 263 -5.29 21.64 -9.96
N ARG A 264 -5.67 20.45 -10.41
CA ARG A 264 -5.39 19.23 -9.68
C ARG A 264 -4.03 18.61 -10.05
N VAL A 265 -3.64 18.76 -11.32
CA VAL A 265 -2.48 18.11 -11.90
C VAL A 265 -1.47 19.16 -12.32
N LYS A 266 -0.30 19.14 -11.70
CA LYS A 266 0.65 20.27 -11.86
C LYS A 266 2.00 19.70 -12.14
N GLN A 267 2.89 20.51 -12.69
CA GLN A 267 4.20 20.04 -13.01
C GLN A 267 5.19 21.04 -12.39
N VAL A 268 6.18 20.52 -11.68
CA VAL A 268 7.24 21.34 -11.06
C VAL A 268 8.55 20.84 -11.62
N SER A 269 9.10 21.62 -12.55
CA SER A 269 10.27 21.24 -13.31
C SER A 269 9.97 19.90 -14.02
N GLY A 270 10.62 18.80 -13.66
CA GLY A 270 10.33 17.52 -14.31
C GLY A 270 9.36 16.65 -13.49
N THR A 271 8.89 17.19 -12.36
CA THR A 271 8.07 16.41 -11.44
C THR A 271 6.58 16.55 -11.69
N LEU A 272 5.87 15.44 -11.85
CA LEU A 272 4.40 15.50 -12.04
C LEU A 272 3.72 15.28 -10.69
N ILE A 273 2.84 16.19 -10.33
CA ILE A 273 2.20 16.17 -9.03
C ILE A 273 0.67 16.06 -9.21
N ILE A 274 0.10 14.95 -8.75
CA ILE A 274 -1.36 14.75 -8.89
C ILE A 274 -2.04 14.79 -7.54
N LYS A 275 -2.85 15.81 -7.27
CA LYS A 275 -3.56 15.90 -5.99
C LYS A 275 -4.88 15.08 -6.01
N ASP A 276 -5.36 14.69 -4.83
CA ASP A 276 -6.68 14.06 -4.73
C ASP A 276 -6.80 12.87 -5.69
N ALA A 277 -5.84 11.93 -5.64
CA ALA A 277 -5.74 10.87 -6.64
C ALA A 277 -7.05 10.08 -6.76
N VAL A 278 -7.40 9.70 -7.98
CA VAL A 278 -8.56 8.83 -8.17
C VAL A 278 -8.11 7.60 -8.92
N VAL A 279 -8.92 6.53 -8.89
CA VAL A 279 -8.52 5.27 -9.50
C VAL A 279 -8.23 5.44 -10.99
N GLU A 280 -8.94 6.36 -11.64
CA GLU A 280 -8.71 6.53 -13.06
C GLU A 280 -7.32 7.20 -13.34
N ASP A 281 -6.62 7.70 -12.33
CA ASP A 281 -5.25 8.19 -12.53
C ASP A 281 -4.27 7.02 -12.78
N SER A 282 -4.66 5.78 -12.46
CA SER A 282 -3.82 4.62 -12.73
C SER A 282 -3.45 4.53 -14.18
N GLY A 283 -2.27 3.99 -14.44
CA GLY A 283 -1.81 3.76 -15.80
C GLY A 283 -0.29 3.79 -15.92
N LYS A 284 0.15 3.76 -17.18
CA LYS A 284 1.55 3.86 -17.50
C LYS A 284 1.83 5.30 -17.98
N TYR A 285 2.79 5.93 -17.34
CA TYR A 285 3.15 7.33 -17.65
C TYR A 285 4.51 7.36 -18.26
N LEU A 286 4.72 8.36 -19.13
CA LEU A 286 5.99 8.47 -19.81
C LEU A 286 6.48 9.91 -19.62
N CYS A 287 7.72 10.04 -19.22
CA CYS A 287 8.33 11.37 -19.10
C CYS A 287 9.32 11.45 -20.24
N VAL A 288 9.26 12.52 -21.03
CA VAL A 288 10.15 12.70 -22.17
C VAL A 288 11.01 13.94 -21.89
N VAL A 289 12.34 13.78 -21.98
CA VAL A 289 13.26 14.83 -21.56
C VAL A 289 14.08 15.26 -22.79
N ASN A 290 14.19 16.56 -23.06
CA ASN A 290 14.82 17.10 -24.25
C ASN A 290 15.74 18.27 -24.00
N ASN A 291 16.86 18.30 -24.73
CA ASN A 291 17.52 19.57 -24.95
C ASN A 291 17.99 19.64 -26.40
N SER A 292 18.75 20.67 -26.73
CA SER A 292 19.11 20.85 -28.15
C SER A 292 20.11 19.81 -28.61
N VAL A 293 20.61 18.99 -27.70
CA VAL A 293 21.51 17.92 -28.13
C VAL A 293 20.81 16.60 -28.39
N GLY A 294 19.78 16.27 -27.58
CA GLY A 294 19.24 14.94 -27.67
C GLY A 294 18.07 14.80 -26.71
N GLY A 295 17.55 13.58 -26.60
CA GLY A 295 16.40 13.34 -25.72
C GLY A 295 16.47 11.96 -25.09
N GLU A 296 15.61 11.75 -24.10
CA GLU A 296 15.52 10.45 -23.45
C GLU A 296 14.13 10.33 -22.88
N SER A 297 13.76 9.11 -22.48
CA SER A 297 12.46 9.00 -21.84
C SER A 297 12.49 7.85 -20.84
N VAL A 298 11.57 7.90 -19.89
CA VAL A 298 11.48 6.82 -18.91
C VAL A 298 9.98 6.61 -18.63
N GLU A 299 9.61 5.34 -18.46
CA GLU A 299 8.24 4.97 -18.10
C GLU A 299 8.08 4.75 -16.60
N THR A 300 6.95 5.15 -16.05
CA THR A 300 6.61 4.76 -14.66
C THR A 300 5.19 4.23 -14.63
N VAL A 301 4.98 3.13 -13.93
CA VAL A 301 3.62 2.59 -13.78
C VAL A 301 3.02 3.01 -12.44
N LEU A 302 1.79 3.51 -12.46
CA LEU A 302 1.07 3.91 -11.28
C LEU A 302 -0.22 3.12 -11.13
N THR A 303 -0.47 2.59 -9.94
CA THR A 303 -1.81 2.07 -9.57
C THR A 303 -2.37 2.84 -8.38
N VAL A 304 -3.51 3.46 -8.56
CA VAL A 304 -4.15 4.14 -7.44
C VAL A 304 -5.14 3.15 -6.80
N THR A 305 -4.89 2.82 -5.55
CA THR A 305 -5.61 1.72 -4.87
C THR A 305 -6.79 2.29 -4.11
N ALA A 306 -7.83 1.46 -3.93
CA ALA A 306 -9.03 1.86 -3.20
C ALA A 306 -9.44 0.65 -2.34
N PRO A 307 -10.00 0.87 -1.14
CA PRO A 307 -10.22 -0.29 -0.25
C PRO A 307 -11.20 -1.36 -0.82
N LEU A 308 -10.89 -2.62 -0.61
CA LEU A 308 -11.72 -3.69 -1.13
C LEU A 308 -12.94 -3.87 -0.22
N SER A 309 -14.10 -4.06 -0.83
CA SER A 309 -15.30 -4.50 -0.09
C SER A 309 -16.10 -5.47 -0.94
N ALA A 310 -16.94 -6.29 -0.29
CA ALA A 310 -17.71 -7.30 -1.01
C ALA A 310 -19.05 -7.50 -0.28
N LYS A 311 -20.06 -7.92 -1.03
CA LYS A 311 -21.39 -8.12 -0.52
C LYS A 311 -22.03 -9.19 -1.42
N ILE A 312 -22.65 -10.22 -0.87
CA ILE A 312 -23.35 -11.17 -1.74
C ILE A 312 -24.86 -10.88 -1.76
N ASP A 313 -25.40 -10.88 -2.97
CA ASP A 313 -26.85 -10.89 -3.18
C ASP A 313 -27.30 -12.30 -3.63
N PRO A 314 -28.25 -12.90 -2.89
CA PRO A 314 -28.88 -12.39 -1.66
C PRO A 314 -28.20 -12.96 -0.39
N PRO A 315 -28.36 -12.30 0.76
CA PRO A 315 -27.73 -12.74 2.03
C PRO A 315 -28.16 -14.16 2.44
N THR A 316 -29.40 -14.50 2.13
CA THR A 316 -29.85 -15.86 2.40
C THR A 316 -30.97 -16.20 1.43
N GLN A 317 -31.01 -17.45 1.00
CA GLN A 317 -32.12 -17.84 0.15
C GLN A 317 -32.51 -19.27 0.46
N THR A 318 -33.79 -19.58 0.24
CA THR A 318 -34.29 -20.94 0.33
C THR A 318 -34.71 -21.41 -1.08
N VAL A 319 -34.21 -22.57 -1.46
CA VAL A 319 -34.38 -23.11 -2.81
C VAL A 319 -34.79 -24.57 -2.73
N ASP A 320 -35.93 -24.91 -3.36
CA ASP A 320 -36.46 -26.28 -3.36
C ASP A 320 -35.55 -27.20 -4.15
N PHE A 321 -35.49 -28.48 -3.76
CA PHE A 321 -34.58 -29.46 -4.37
C PHE A 321 -34.62 -29.48 -5.89
N GLY A 322 -33.51 -29.84 -6.50
CA GLY A 322 -33.40 -29.87 -7.95
C GLY A 322 -33.45 -28.55 -8.71
N ARG A 323 -33.74 -27.43 -8.04
CA ARG A 323 -33.83 -26.12 -8.69
C ARG A 323 -32.50 -25.31 -8.62
N PRO A 324 -32.39 -24.17 -9.33
CA PRO A 324 -31.08 -23.52 -9.35
C PRO A 324 -30.85 -22.50 -8.22
N ALA A 325 -29.64 -22.49 -7.66
CA ALA A 325 -29.27 -21.46 -6.69
C ALA A 325 -28.19 -20.52 -7.28
N VAL A 326 -28.46 -19.23 -7.26
CA VAL A 326 -27.53 -18.22 -7.77
C VAL A 326 -27.11 -17.25 -6.66
N PHE A 327 -25.79 -17.10 -6.49
CA PHE A 327 -25.22 -16.05 -5.63
C PHE A 327 -24.35 -15.10 -6.42
N THR A 328 -24.57 -13.83 -6.20
CA THR A 328 -23.87 -12.79 -6.92
C THR A 328 -23.02 -11.96 -5.97
N CYS A 329 -21.70 -12.10 -6.12
CA CYS A 329 -20.76 -11.26 -5.37
C CYS A 329 -20.60 -9.87 -6.01
N GLN A 330 -20.99 -8.83 -5.28
CA GLN A 330 -20.78 -7.45 -5.72
C GLN A 330 -19.63 -6.78 -4.93
N TYR A 331 -18.66 -6.19 -5.63
CA TYR A 331 -17.47 -5.71 -4.95
C TYR A 331 -17.02 -4.35 -5.46
N THR A 332 -16.20 -3.68 -4.65
CA THR A 332 -15.62 -2.40 -5.01
C THR A 332 -14.14 -2.43 -4.58
N GLY A 333 -13.34 -1.48 -5.06
CA GLY A 333 -11.93 -1.41 -4.70
C GLY A 333 -11.03 -1.58 -5.91
N ASN A 334 -9.73 -1.39 -5.72
CA ASN A 334 -8.81 -1.39 -6.86
C ASN A 334 -7.40 -1.61 -6.34
N PRO A 335 -6.62 -2.45 -7.00
CA PRO A 335 -7.00 -3.33 -8.09
C PRO A 335 -7.75 -4.56 -7.52
N ILE A 336 -8.46 -5.32 -8.35
CA ILE A 336 -8.99 -6.62 -7.93
C ILE A 336 -8.20 -7.68 -8.65
N LYS A 337 -7.38 -8.42 -7.93
CA LYS A 337 -6.63 -9.49 -8.58
C LYS A 337 -7.47 -10.71 -8.80
N THR A 338 -8.12 -11.18 -7.75
CA THR A 338 -8.95 -12.39 -7.85
C THR A 338 -10.26 -12.27 -7.08
N VAL A 339 -11.21 -13.09 -7.54
CA VAL A 339 -12.49 -13.29 -6.88
C VAL A 339 -12.54 -14.79 -6.76
N SER A 340 -12.89 -15.33 -5.58
CA SER A 340 -12.93 -16.80 -5.44
C SER A 340 -13.95 -17.15 -4.36
N TRP A 341 -14.46 -18.38 -4.40
CA TRP A 341 -15.65 -18.71 -3.58
C TRP A 341 -15.28 -19.81 -2.64
N MET A 342 -15.95 -19.83 -1.48
CA MET A 342 -15.72 -20.90 -0.53
C MET A 342 -17.06 -21.42 -0.05
N LYS A 343 -17.09 -22.67 0.40
CA LYS A 343 -18.31 -23.16 1.05
C LYS A 343 -17.93 -23.77 2.37
N ASP A 344 -18.54 -23.26 3.44
CA ASP A 344 -18.19 -23.68 4.81
C ASP A 344 -16.65 -23.80 5.02
N GLY A 345 -15.90 -22.77 4.63
CA GLY A 345 -14.47 -22.75 4.92
C GLY A 345 -13.54 -23.46 3.96
N LYS A 346 -14.07 -23.97 2.84
CA LYS A 346 -13.26 -24.74 1.91
C LYS A 346 -13.41 -24.15 0.53
N ALA A 347 -12.28 -23.90 -0.13
CA ALA A 347 -12.32 -23.39 -1.50
C ALA A 347 -13.13 -24.35 -2.42
N ILE A 348 -14.04 -23.81 -3.21
CA ILE A 348 -14.77 -24.66 -4.13
C ILE A 348 -14.40 -24.46 -5.61
N GLY A 349 -13.36 -23.70 -5.91
CA GLY A 349 -12.80 -23.65 -7.27
C GLY A 349 -13.66 -22.90 -8.27
N HIS A 350 -14.21 -21.78 -7.86
CA HIS A 350 -14.98 -20.95 -8.77
C HIS A 350 -14.42 -19.55 -8.63
N SER A 351 -14.07 -18.91 -9.74
CA SER A 351 -13.35 -17.64 -9.67
C SER A 351 -14.04 -16.49 -10.41
N GLU A 352 -15.36 -16.56 -10.51
CA GLU A 352 -16.16 -15.52 -11.17
C GLU A 352 -17.14 -14.95 -10.19
N SER A 353 -17.54 -13.71 -10.47
CA SER A 353 -18.41 -12.97 -9.59
C SER A 353 -19.79 -13.65 -9.25
N VAL A 354 -20.34 -14.40 -10.21
CA VAL A 354 -21.65 -15.04 -10.05
C VAL A 354 -21.45 -16.51 -9.89
N LEU A 355 -21.99 -17.05 -8.80
CA LEU A 355 -21.90 -18.48 -8.56
C LEU A 355 -23.29 -19.08 -8.79
N ARG A 356 -23.35 -20.10 -9.62
CA ARG A 356 -24.60 -20.73 -9.97
C ARG A 356 -24.53 -22.20 -9.61
N ILE A 357 -25.45 -22.64 -8.75
CA ILE A 357 -25.67 -24.06 -8.51
C ILE A 357 -26.89 -24.51 -9.33
N GLU A 358 -26.63 -25.34 -10.34
CA GLU A 358 -27.59 -25.82 -11.34
C GLU A 358 -28.84 -26.50 -10.71
N SER A 359 -28.59 -27.54 -9.91
CA SER A 359 -29.64 -28.32 -9.27
C SER A 359 -29.26 -28.59 -7.81
N VAL A 360 -29.96 -27.95 -6.88
CA VAL A 360 -29.57 -28.06 -5.49
C VAL A 360 -29.92 -29.44 -4.89
N LYS A 361 -28.89 -30.10 -4.38
CA LYS A 361 -29.01 -31.31 -3.62
C LYS A 361 -28.80 -31.00 -2.14
N LYS A 362 -28.81 -32.03 -1.28
CA LYS A 362 -28.86 -31.81 0.17
C LYS A 362 -27.56 -31.21 0.70
N GLU A 363 -26.43 -31.67 0.16
CA GLU A 363 -25.13 -31.25 0.67
C GLU A 363 -24.69 -29.90 0.07
N ASP A 364 -25.64 -29.16 -0.51
CA ASP A 364 -25.40 -27.83 -1.04
C ASP A 364 -25.87 -26.79 -0.04
N LYS A 365 -26.62 -27.21 0.98
CA LYS A 365 -26.98 -26.28 2.06
C LYS A 365 -25.70 -25.96 2.83
N GLY A 366 -25.66 -24.79 3.44
CA GLY A 366 -24.44 -24.38 4.11
C GLY A 366 -24.10 -22.95 3.80
N MET A 367 -22.90 -22.55 4.25
CA MET A 367 -22.48 -21.15 4.16
C MET A 367 -21.58 -20.99 2.96
N TYR A 368 -21.85 -19.95 2.19
CA TYR A 368 -21.04 -19.68 0.99
C TYR A 368 -20.30 -18.36 1.19
N GLN A 369 -19.07 -18.30 0.70
CA GLN A 369 -18.40 -17.00 0.77
C GLN A 369 -17.71 -16.64 -0.54
N CYS A 370 -17.73 -15.34 -0.83
CA CYS A 370 -16.95 -14.69 -1.92
C CYS A 370 -15.76 -13.95 -1.28
N PHE A 371 -14.55 -14.18 -1.76
CA PHE A 371 -13.36 -13.41 -1.32
C PHE A 371 -12.84 -12.59 -2.50
N VAL A 372 -12.62 -11.28 -2.29
CA VAL A 372 -11.92 -10.46 -3.31
C VAL A 372 -10.55 -10.06 -2.74
N ARG A 373 -9.52 -10.29 -3.55
CA ARG A 373 -8.14 -10.13 -3.10
C ARG A 373 -7.29 -9.30 -4.07
N ASN A 374 -6.31 -8.57 -3.53
CA ASN A 374 -5.19 -8.15 -4.37
C ASN A 374 -3.94 -8.44 -3.57
N ASP A 375 -2.82 -7.87 -3.96
CA ASP A 375 -1.56 -8.24 -3.30
C ASP A 375 -1.48 -7.76 -1.85
N ARG A 376 -2.18 -6.69 -1.50
CA ARG A 376 -2.08 -6.08 -0.18
C ARG A 376 -3.34 -6.28 0.72
N GLU A 377 -4.51 -6.46 0.11
CA GLU A 377 -5.79 -6.44 0.86
C GLU A 377 -6.63 -7.71 0.52
N SER A 378 -7.59 -8.01 1.40
CA SER A 378 -8.64 -9.02 1.08
C SER A 378 -9.93 -8.54 1.72
N ALA A 379 -11.07 -8.90 1.12
CA ALA A 379 -12.41 -8.59 1.67
C ALA A 379 -13.29 -9.84 1.44
N GLU A 380 -14.20 -10.15 2.38
CA GLU A 380 -15.09 -11.33 2.14
C GLU A 380 -16.54 -10.91 2.36
N ALA A 381 -17.45 -11.69 1.79
CA ALA A 381 -18.91 -11.53 1.95
C ALA A 381 -19.43 -12.92 2.15
N SER A 382 -20.54 -13.09 2.88
CA SER A 382 -20.99 -14.45 3.15
C SER A 382 -22.50 -14.55 2.86
N ALA A 383 -22.98 -15.76 2.69
CA ALA A 383 -24.40 -15.95 2.42
C ALA A 383 -24.77 -17.37 2.75
N GLU A 384 -26.05 -17.56 3.09
CA GLU A 384 -26.54 -18.90 3.44
C GLU A 384 -27.53 -19.47 2.40
N LEU A 385 -27.35 -20.75 2.08
CA LEU A 385 -28.31 -21.49 1.30
C LEU A 385 -29.10 -22.44 2.22
N LYS A 386 -30.41 -22.25 2.24
CA LYS A 386 -31.33 -23.16 2.93
C LYS A 386 -32.15 -23.97 1.91
N LEU A 387 -32.42 -25.24 2.24
CA LEU A 387 -33.27 -26.12 1.41
C LEU A 387 -34.76 -26.00 1.74
N GLY A 388 -35.59 -25.98 0.70
CA GLY A 388 -37.04 -25.88 0.86
C GLY A 388 -37.79 -27.20 0.73
C1 NAG B . 11.03 -4.03 23.19
C2 NAG B . 11.06 -3.94 24.70
C3 NAG B . 11.90 -2.73 25.09
C4 NAG B . 13.29 -2.83 24.51
C5 NAG B . 13.43 -3.47 23.11
C6 NAG B . 14.66 -4.34 23.05
C7 NAG B . 9.25 -4.61 26.27
C8 NAG B . 10.12 -5.69 26.73
N2 NAG B . 9.73 -3.83 25.28
O3 NAG B . 11.94 -2.65 26.51
O4 NAG B . 13.87 -1.53 24.47
O5 NAG B . 12.32 -4.33 22.72
O6 NAG B . 15.53 -3.92 22.02
O7 NAG B . 8.11 -4.46 26.72
C1 NAG B . 15.20 -1.59 25.04
C2 NAG B . 15.95 -0.30 24.60
C3 NAG B . 17.28 -0.14 25.34
C4 NAG B . 17.08 -0.29 26.85
C5 NAG B . 16.37 -1.61 27.13
C6 NAG B . 16.05 -1.82 28.59
C7 NAG B . 15.43 0.37 22.29
C8 NAG B . 15.83 0.26 20.84
N2 NAG B . 16.18 -0.30 23.16
O3 NAG B . 17.79 1.17 25.08
O4 NAG B . 18.35 -0.23 27.50
O5 NAG B . 15.10 -1.62 26.45
O6 NAG B . 14.85 -1.15 28.95
O7 NAG B . 14.45 1.04 22.65
C1 BMA B . 18.44 0.93 28.37
C2 BMA B . 19.13 0.48 29.67
C3 BMA B . 19.26 1.66 30.65
C4 BMA B . 19.95 2.88 29.98
C5 BMA B . 19.24 3.29 28.68
C6 BMA B . 20.07 4.36 27.93
O2 BMA B . 20.45 -0.04 29.41
O3 BMA B . 19.94 1.31 31.87
O4 BMA B . 19.97 4.01 30.87
O5 BMA B . 19.06 2.11 27.79
O6 BMA B . 19.31 4.92 26.87
C1 NAG C . 12.57 14.85 -27.51
C2 NAG C . 12.45 14.98 -29.03
C3 NAG C . 11.62 13.85 -29.57
C4 NAG C . 12.17 12.49 -29.14
C5 NAG C . 12.59 12.42 -27.66
C6 NAG C . 13.60 11.31 -27.44
C7 NAG C . 12.54 17.06 -30.32
C8 NAG C . 11.85 18.36 -30.65
N2 NAG C . 11.90 16.27 -29.45
O3 NAG C . 11.66 13.96 -31.00
O4 NAG C . 11.15 11.52 -29.29
O5 NAG C . 13.22 13.63 -27.20
O6 NAG C . 13.39 10.66 -26.20
O7 NAG C . 13.63 16.75 -30.82
C1 NAG C . 11.65 10.49 -30.13
C2 NAG C . 10.80 9.21 -30.05
C3 NAG C . 11.28 8.20 -31.06
C4 NAG C . 11.30 8.81 -32.46
C5 NAG C . 12.21 10.05 -32.43
C6 NAG C . 12.34 10.78 -33.75
C7 NAG C . 9.84 8.86 -27.80
C8 NAG C . 10.03 8.17 -26.48
N2 NAG C . 10.81 8.66 -28.71
O3 NAG C . 10.46 7.04 -31.00
O4 NAG C . 11.81 7.90 -33.41
O5 NAG C . 11.67 10.99 -31.49
O6 NAG C . 11.07 11.13 -34.26
O7 NAG C . 8.85 9.57 -28.04
C1 BMA C . 10.86 7.70 -34.47
C2 BMA C . 11.72 7.34 -35.67
C3 BMA C . 10.87 6.83 -36.85
C4 BMA C . 9.86 5.76 -36.40
C5 BMA C . 9.01 6.29 -35.19
C6 BMA C . 7.97 5.31 -34.59
O2 BMA C . 12.62 6.25 -35.28
O3 BMA C . 11.69 6.33 -37.92
O4 BMA C . 9.00 5.44 -37.48
O5 BMA C . 9.91 6.70 -34.13
O6 BMA C . 8.47 3.97 -34.52
C1 MAN C . 11.50 7.04 -39.16
C2 MAN C . 12.35 6.30 -40.24
C3 MAN C . 13.86 6.57 -40.02
C4 MAN C . 14.15 8.09 -39.89
C5 MAN C . 13.22 8.72 -38.83
C6 MAN C . 13.40 10.22 -38.68
O2 MAN C . 12.05 6.77 -41.56
O3 MAN C . 14.68 5.99 -41.04
O4 MAN C . 15.49 8.28 -39.48
O5 MAN C . 11.80 8.44 -39.11
O6 MAN C . 12.79 10.59 -37.44
C1 MAN C . 7.33 3.05 -34.46
C2 MAN C . 7.36 2.31 -33.13
C3 MAN C . 8.60 1.40 -33.10
C4 MAN C . 8.69 0.47 -34.37
C5 MAN C . 8.40 1.25 -35.69
C6 MAN C . 8.23 0.35 -36.92
O2 MAN C . 6.22 1.42 -33.00
O3 MAN C . 8.69 0.64 -31.90
O4 MAN C . 9.99 -0.11 -34.45
O5 MAN C . 7.21 2.12 -35.54
O6 MAN C . 8.49 1.12 -38.15
C1 GOL D . 13.01 17.86 -11.79
O1 GOL D . 11.71 17.89 -11.35
C2 GOL D . 13.56 16.49 -11.83
O2 GOL D . 14.32 16.24 -13.02
C3 GOL D . 12.91 15.40 -10.94
O3 GOL D . 11.51 15.22 -11.14
C1 GOL E . 30.34 18.63 -19.37
O1 GOL E . 30.77 19.80 -18.72
C2 GOL E . 29.40 17.78 -18.52
O2 GOL E . 30.18 16.76 -17.90
C3 GOL E . 28.43 17.16 -19.53
O3 GOL E . 27.59 18.20 -20.03
CL CL F . 1.99 -20.35 15.53
CL CL G . -13.66 -2.39 7.42
C1 GOL H . 10.33 25.09 -15.84
O1 GOL H . 11.57 24.67 -15.29
C2 GOL H . 9.34 25.28 -14.70
O2 GOL H . 8.83 26.60 -14.62
C3 GOL H . 8.15 24.40 -14.84
O3 GOL H . 7.82 24.08 -13.50
CL CL I . -4.25 -28.17 12.19
NA NA J . -27.57 -16.75 -0.81
NA NA K . -11.27 -5.67 3.96
NA NA L . -29.75 -22.35 9.40
NA NA M . 1.85 18.12 -20.31
S SO4 N . 11.74 28.30 10.64
O1 SO4 N . 12.24 28.57 9.29
O2 SO4 N . 10.87 29.38 11.06
O3 SO4 N . 10.99 27.04 10.67
O4 SO4 N . 12.90 28.21 11.54
S SO4 O . 18.62 20.77 13.87
O1 SO4 O . 18.76 20.71 12.41
O2 SO4 O . 18.75 21.83 14.88
O3 SO4 O . 17.17 20.63 13.68
O4 SO4 O . 19.64 20.01 14.60
CL CL P . -1.39 13.58 1.02
#